data_6GV2
#
_entry.id   6GV2
#
_cell.length_a   103.478
_cell.length_b   103.478
_cell.length_c   245.551
_cell.angle_alpha   90.00
_cell.angle_beta   90.00
_cell.angle_gamma   120.00
#
_symmetry.space_group_name_H-M   'P 65 2 2'
#
loop_
_entity.id
_entity.type
_entity.pdbx_description
1 polymer '2-dehydro-3-deoxy-phosphogluconate/2-dehydro-3-deoxy-6-phosphogalactonate aldolase'
2 non-polymer '3-DEOXY-D-ARABINO-HEXONIC ACID'
3 non-polymer L-glyceraldehyde
4 non-polymer 1,2-ETHANEDIOL
5 non-polymer GLYCEROL
6 water water
#
_entity_poly.entity_id   1
_entity_poly.type   'polypeptide(L)'
_entity_poly.pdbx_seq_one_letter_code
;MPEIITPIITPFTKDNRIDKEKLKIHAENLIRKGIDKLFVNGTTGLGPSLSPEEKLENLKAVYDVTNKIIFQVGGLNLDD
AIRLAKLSKDFDIVGIASYAPYFYPRMSEKHLVKYFKTLCEVSPHPVYLFNYPTATGKDIDAKVAKEIGCFTGVKDTIEN
IIHTLDYKRLNPNMLVYSGSDMLIATVASTGLDGNVAFGSNYLPEVTVTIKKLAMERKIDEALKLQFLHDEVIEASRIFG
SLSSNYVLTKYFQGYDLGYPRPPIFPLDDEEERQLIKKVEGIRAKLVELKILKE
;
_entity_poly.pdbx_strand_id   A,B
#
# COMPACT_ATOMS: atom_id res chain seq x y z
N PRO A 2 -4.82 18.17 1.21
CA PRO A 2 -4.89 17.14 2.25
C PRO A 2 -4.48 17.66 3.62
N GLU A 3 -4.67 16.84 4.66
CA GLU A 3 -4.51 17.28 6.04
C GLU A 3 -3.56 16.36 6.79
N ILE A 4 -2.90 16.91 7.82
CA ILE A 4 -2.20 16.13 8.83
C ILE A 4 -3.02 16.21 10.11
N ILE A 5 -3.34 15.06 10.68
CA ILE A 5 -4.14 14.98 11.90
C ILE A 5 -3.29 14.25 12.93
N THR A 6 -3.18 14.80 14.14
CA THR A 6 -2.33 14.18 15.16
C THR A 6 -3.18 13.31 16.07
N PRO A 7 -2.97 11.99 16.11
CA PRO A 7 -3.55 11.20 17.23
C PRO A 7 -2.77 11.55 18.48
N ILE A 8 -3.33 12.44 19.30
CA ILE A 8 -2.53 13.13 20.30
C ILE A 8 -2.25 12.18 21.48
N ILE A 9 -1.01 12.24 21.97
CA ILE A 9 -0.59 11.50 23.14
C ILE A 9 -1.32 11.97 24.39
N THR A 10 -1.67 11.01 25.26
CA THR A 10 -2.20 11.32 26.59
C THR A 10 -1.06 11.32 27.60
N PRO A 11 -0.64 12.46 28.13
CA PRO A 11 0.37 12.45 29.19
C PRO A 11 -0.24 12.04 30.52
N PHE A 12 0.46 11.16 31.23
CA PHE A 12 0.01 10.70 32.54
C PHE A 12 0.96 11.22 33.61
N THR A 13 0.42 11.40 34.80
CA THR A 13 1.23 11.70 35.97
C THR A 13 1.93 10.44 36.46
N LYS A 14 2.86 10.66 37.40
CA LYS A 14 3.54 9.54 38.06
C LYS A 14 2.56 8.59 38.73
N ASP A 15 1.48 9.12 39.30
CA ASP A 15 0.48 8.28 39.95
C ASP A 15 -0.69 7.94 39.03
N ASN A 16 -0.50 8.01 37.71
CA ASN A 16 -1.36 7.39 36.71
C ASN A 16 -2.68 8.12 36.45
N ARG A 17 -2.66 9.45 36.55
N ARG A 17 -2.66 9.45 36.56
CA ARG A 17 -3.80 10.29 36.19
CA ARG A 17 -3.77 10.31 36.21
C ARG A 17 -3.42 11.16 35.01
C ARG A 17 -3.41 11.11 34.96
N ILE A 18 -4.44 11.58 34.26
CA ILE A 18 -4.19 12.40 33.07
C ILE A 18 -3.62 13.74 33.52
N ASP A 19 -2.51 14.13 32.92
CA ASP A 19 -1.86 15.40 33.21
C ASP A 19 -2.42 16.43 32.24
N LYS A 20 -3.54 17.06 32.64
CA LYS A 20 -4.24 17.98 31.75
C LYS A 20 -3.38 19.16 31.32
N GLU A 21 -2.46 19.61 32.18
CA GLU A 21 -1.65 20.78 31.87
C GLU A 21 -0.64 20.46 30.77
N LYS A 22 0.03 19.29 30.86
CA LYS A 22 0.97 18.90 29.82
C LYS A 22 0.24 18.64 28.51
N LEU A 23 -1.01 18.19 28.59
CA LEU A 23 -1.77 17.88 27.39
C LEU A 23 -2.12 19.16 26.63
N LYS A 24 -2.53 20.20 27.35
CA LYS A 24 -2.79 21.50 26.71
C LYS A 24 -1.54 22.07 26.05
N ILE A 25 -0.40 22.03 26.76
CA ILE A 25 0.85 22.52 26.19
C ILE A 25 1.14 21.82 24.86
N HIS A 26 0.97 20.49 24.83
CA HIS A 26 1.23 19.70 23.62
C HIS A 26 0.26 20.08 22.50
N ALA A 27 -1.03 20.18 22.83
CA ALA A 27 -2.04 20.53 21.85
C ALA A 27 -1.79 21.92 21.29
N GLU A 28 -1.38 22.87 22.14
CA GLU A 28 -1.08 24.23 21.68
C GLU A 28 0.07 24.23 20.67
N ASN A 29 1.14 23.50 20.99
CA ASN A 29 2.27 23.43 20.07
C ASN A 29 1.87 22.83 18.73
N LEU A 30 1.10 21.75 18.75
CA LEU A 30 0.73 21.08 17.50
C LEU A 30 -0.07 22.02 16.60
N ILE A 31 -1.08 22.68 17.16
CA ILE A 31 -1.82 23.67 16.38
C ILE A 31 -0.90 24.78 15.90
N ARG A 32 -0.03 25.26 16.79
CA ARG A 32 0.90 26.31 16.38
C ARG A 32 1.80 25.89 15.23
N LYS A 33 2.15 24.60 15.15
CA LYS A 33 3.09 24.16 14.13
C LYS A 33 2.41 23.75 12.84
N GLY A 34 1.10 23.94 12.74
CA GLY A 34 0.39 23.72 11.49
C GLY A 34 -0.43 22.45 11.40
N ILE A 35 -0.65 21.76 12.52
CA ILE A 35 -1.45 20.55 12.47
C ILE A 35 -2.92 20.93 12.27
N ASP A 36 -3.61 20.19 11.40
CA ASP A 36 -4.96 20.56 11.00
C ASP A 36 -5.99 20.19 12.06
N LYS A 37 -5.96 18.96 12.56
CA LYS A 37 -6.91 18.52 13.56
C LYS A 37 -6.24 17.55 14.53
N LEU A 38 -6.89 17.31 15.66
CA LEU A 38 -6.39 16.44 16.71
C LEU A 38 -7.36 15.30 16.93
N PHE A 39 -6.85 14.07 16.83
CA PHE A 39 -7.64 12.88 17.07
C PHE A 39 -7.37 12.43 18.51
N VAL A 40 -8.43 12.44 19.33
CA VAL A 40 -8.32 12.30 20.78
C VAL A 40 -8.85 10.93 21.23
N ASN A 41 -8.10 10.29 22.13
CA ASN A 41 -8.37 8.93 22.59
C ASN A 41 -8.18 7.89 21.50
N GLY A 42 -7.23 8.14 20.61
CA GLY A 42 -6.79 7.15 19.67
C GLY A 42 -5.81 6.17 20.29
N THR A 43 -5.28 5.29 19.44
CA THR A 43 -4.28 4.32 19.87
C THR A 43 -3.08 5.02 20.49
N THR A 44 -2.55 6.01 19.78
CA THR A 44 -1.37 6.73 20.26
C THR A 44 -1.66 7.42 21.58
N GLY A 45 -2.91 7.84 21.80
CA GLY A 45 -3.31 8.35 23.09
C GLY A 45 -3.71 7.32 24.12
N LEU A 46 -3.46 6.04 23.86
CA LEU A 46 -3.85 4.94 24.75
C LEU A 46 -5.34 4.97 25.09
N GLY A 47 -6.17 5.23 24.09
CA GLY A 47 -7.60 5.32 24.27
C GLY A 47 -8.25 4.10 24.90
N PRO A 48 -7.92 2.91 24.42
CA PRO A 48 -8.42 1.69 25.05
C PRO A 48 -8.00 1.52 26.50
N SER A 49 -6.91 2.17 26.93
CA SER A 49 -6.53 2.13 28.33
C SER A 49 -7.32 3.10 29.19
N LEU A 50 -8.15 3.95 28.59
CA LEU A 50 -8.87 5.00 29.30
C LEU A 50 -10.28 4.56 29.64
N SER A 51 -10.74 4.90 30.84
CA SER A 51 -12.13 4.75 31.19
C SER A 51 -12.98 5.77 30.43
N PRO A 52 -14.29 5.56 30.39
CA PRO A 52 -15.16 6.56 29.75
C PRO A 52 -14.96 7.97 30.30
N GLU A 53 -14.82 8.12 31.62
N GLU A 53 -14.83 8.09 31.63
CA GLU A 53 -14.67 9.46 32.17
CA GLU A 53 -14.64 9.38 32.26
C GLU A 53 -13.30 10.04 31.85
C GLU A 53 -13.33 10.01 31.81
N GLU A 54 -12.29 9.19 31.67
CA GLU A 54 -10.99 9.68 31.23
C GLU A 54 -11.00 10.08 29.76
N LYS A 55 -11.75 9.37 28.90
CA LYS A 55 -11.92 9.79 27.52
C LYS A 55 -12.54 11.18 27.45
N LEU A 56 -13.53 11.45 28.32
CA LEU A 56 -14.18 12.76 28.31
C LEU A 56 -13.29 13.82 28.93
N GLU A 57 -12.51 13.44 29.93
CA GLU A 57 -11.51 14.33 30.51
C GLU A 57 -10.47 14.74 29.48
N ASN A 58 -10.09 13.82 28.58
CA ASN A 58 -9.17 14.17 27.50
C ASN A 58 -9.81 15.18 26.54
N LEU A 59 -11.09 14.97 26.20
CA LEU A 59 -11.76 15.90 25.31
C LEU A 59 -11.78 17.31 25.90
N LYS A 60 -12.19 17.42 27.17
CA LYS A 60 -12.31 18.74 27.78
C LYS A 60 -11.00 19.47 27.76
N ALA A 61 -9.89 18.77 28.02
CA ALA A 61 -8.58 19.42 28.07
C ALA A 61 -8.15 19.92 26.71
N VAL A 62 -8.27 19.07 25.68
CA VAL A 62 -7.89 19.54 24.34
C VAL A 62 -8.88 20.61 23.87
N TYR A 63 -10.14 20.55 24.32
CA TYR A 63 -11.14 21.51 23.85
C TYR A 63 -10.83 22.93 24.34
N ASP A 64 -10.12 23.06 25.46
CA ASP A 64 -9.65 24.37 25.92
C ASP A 64 -8.72 25.02 24.91
N VAL A 65 -8.13 24.23 24.01
CA VAL A 65 -7.13 24.72 23.06
C VAL A 65 -7.72 24.96 21.67
N THR A 66 -8.51 24.01 21.17
CA THR A 66 -8.97 24.06 19.79
C THR A 66 -10.32 23.38 19.67
N ASN A 67 -11.08 23.78 18.65
CA ASN A 67 -12.30 23.08 18.26
C ASN A 67 -12.03 21.95 17.28
N LYS A 68 -10.81 21.86 16.75
CA LYS A 68 -10.50 20.94 15.65
C LYS A 68 -10.16 19.56 16.22
N ILE A 69 -11.20 18.91 16.71
CA ILE A 69 -11.07 17.67 17.46
C ILE A 69 -11.97 16.61 16.85
N ILE A 70 -11.42 15.42 16.63
CA ILE A 70 -12.22 14.23 16.42
C ILE A 70 -12.12 13.40 17.71
N PHE A 71 -13.27 13.08 18.29
CA PHE A 71 -13.39 12.52 19.64
C PHE A 71 -13.67 11.03 19.52
N GLN A 72 -12.67 10.19 19.81
CA GLN A 72 -12.86 8.73 19.81
C GLN A 72 -13.56 8.30 21.10
N VAL A 73 -14.61 7.49 20.96
CA VAL A 73 -15.51 7.17 22.07
C VAL A 73 -15.77 5.69 22.23
N GLY A 74 -15.20 4.83 21.38
CA GLY A 74 -15.59 3.44 21.37
C GLY A 74 -15.04 2.62 22.53
N GLY A 75 -15.63 1.43 22.65
CA GLY A 75 -15.24 0.49 23.68
C GLY A 75 -16.18 -0.69 23.68
N LEU A 76 -15.99 -1.57 24.65
CA LEU A 76 -16.71 -2.83 24.68
C LEU A 76 -17.98 -2.77 25.52
N ASN A 77 -18.34 -1.58 25.99
CA ASN A 77 -19.62 -1.31 26.65
C ASN A 77 -20.32 -0.24 25.79
N LEU A 78 -21.32 -0.66 25.03
CA LEU A 78 -21.99 0.25 24.11
C LEU A 78 -22.75 1.34 24.84
N ASP A 79 -23.31 1.04 26.00
CA ASP A 79 -23.92 2.10 26.80
C ASP A 79 -22.92 3.22 27.09
N ASP A 80 -21.66 2.86 27.37
CA ASP A 80 -20.67 3.89 27.70
C ASP A 80 -20.31 4.71 26.47
N ALA A 81 -20.14 4.06 25.31
CA ALA A 81 -19.85 4.78 24.07
C ALA A 81 -21.01 5.68 23.68
N ILE A 82 -22.24 5.19 23.83
CA ILE A 82 -23.43 6.00 23.55
C ILE A 82 -23.43 7.24 24.42
N ARG A 83 -23.11 7.08 25.72
N ARG A 83 -23.11 7.08 25.72
CA ARG A 83 -23.11 8.20 26.64
CA ARG A 83 -23.11 8.20 26.65
C ARG A 83 -22.09 9.25 26.23
C ARG A 83 -22.10 9.25 26.23
N LEU A 84 -20.90 8.82 25.80
CA LEU A 84 -19.89 9.78 25.36
C LEU A 84 -20.32 10.46 24.06
N ALA A 85 -20.91 9.71 23.13
CA ALA A 85 -21.39 10.34 21.92
C ALA A 85 -22.38 11.46 22.24
N LYS A 86 -23.33 11.20 23.16
CA LYS A 86 -24.34 12.20 23.48
C LYS A 86 -23.74 13.40 24.21
N LEU A 87 -22.83 13.15 25.16
CA LEU A 87 -22.16 14.24 25.86
C LEU A 87 -21.38 15.17 24.94
N SER A 88 -21.01 14.70 23.75
CA SER A 88 -20.23 15.54 22.85
C SER A 88 -21.07 16.62 22.18
N LYS A 89 -22.39 16.61 22.34
CA LYS A 89 -23.22 17.63 21.73
C LYS A 89 -22.82 19.03 22.16
N ASP A 90 -22.35 19.17 23.40
CA ASP A 90 -22.03 20.48 23.95
C ASP A 90 -20.61 20.91 23.66
N PHE A 91 -19.98 20.29 22.65
CA PHE A 91 -18.66 20.66 22.18
C PHE A 91 -18.77 20.91 20.68
N ASP A 92 -18.22 22.03 20.21
CA ASP A 92 -18.24 22.39 18.80
C ASP A 92 -17.00 21.81 18.12
N ILE A 93 -17.08 20.54 17.75
CA ILE A 93 -15.93 19.76 17.32
C ILE A 93 -16.21 19.19 15.92
N VAL A 94 -15.17 18.55 15.34
CA VAL A 94 -15.27 18.07 13.95
C VAL A 94 -16.12 16.81 13.85
N GLY A 95 -15.96 15.90 14.80
CA GLY A 95 -16.78 14.69 14.80
C GLY A 95 -16.40 13.78 15.94
N ILE A 96 -17.12 12.67 16.02
CA ILE A 96 -16.77 11.58 16.92
C ILE A 96 -16.26 10.42 16.07
N ALA A 97 -15.67 9.43 16.73
CA ALA A 97 -15.05 8.31 16.03
C ALA A 97 -15.07 7.07 16.92
N SER A 98 -14.98 5.91 16.27
CA SER A 98 -14.85 4.67 17.00
C SER A 98 -14.06 3.65 16.19
N TYR A 99 -13.12 2.98 16.85
N TYR A 99 -13.13 2.97 16.87
CA TYR A 99 -12.60 1.74 16.29
CA TYR A 99 -12.61 1.72 16.36
C TYR A 99 -13.65 0.63 16.46
C TYR A 99 -13.73 0.67 16.36
N ALA A 100 -13.46 -0.46 15.73
CA ALA A 100 -14.36 -1.59 15.86
C ALA A 100 -14.20 -2.22 17.25
N PRO A 101 -15.23 -2.86 17.76
CA PRO A 101 -15.09 -3.67 18.98
C PRO A 101 -13.86 -4.57 18.89
N TYR A 102 -12.99 -4.48 19.90
CA TYR A 102 -11.74 -5.20 19.86
C TYR A 102 -11.79 -6.47 20.70
N PHE A 103 -10.67 -7.20 20.67
CA PHE A 103 -10.42 -8.42 21.43
C PHE A 103 -11.17 -9.60 20.84
N TYR A 104 -12.51 -9.59 20.91
CA TYR A 104 -13.31 -10.76 20.53
C TYR A 104 -13.14 -11.12 19.05
N PRO A 105 -12.70 -12.32 18.72
CA PRO A 105 -12.66 -12.73 17.30
C PRO A 105 -14.03 -13.26 16.84
N ARG A 106 -14.15 -13.36 15.52
CA ARG A 106 -15.31 -13.99 14.90
C ARG A 106 -16.61 -13.28 15.24
N MET A 107 -16.58 -11.95 15.30
CA MET A 107 -17.83 -11.19 15.44
C MET A 107 -18.52 -11.13 14.08
N SER A 108 -19.83 -11.37 14.09
CA SER A 108 -20.58 -11.36 12.85
C SER A 108 -20.56 -9.95 12.26
N GLU A 109 -20.63 -9.90 10.93
CA GLU A 109 -20.72 -8.61 10.26
C GLU A 109 -21.95 -7.86 10.72
N LYS A 110 -23.06 -8.57 10.95
CA LYS A 110 -24.30 -7.95 11.36
C LYS A 110 -24.14 -7.24 12.70
N HIS A 111 -23.43 -7.88 13.65
CA HIS A 111 -23.23 -7.27 14.95
C HIS A 111 -22.29 -6.08 14.86
N LEU A 112 -21.22 -6.19 14.06
CA LEU A 112 -20.33 -5.05 13.84
C LEU A 112 -21.08 -3.87 13.21
N VAL A 113 -21.90 -4.13 12.20
CA VAL A 113 -22.69 -3.06 11.56
C VAL A 113 -23.61 -2.39 12.57
N LYS A 114 -24.30 -3.20 13.38
CA LYS A 114 -25.22 -2.65 14.37
C LYS A 114 -24.49 -1.77 15.36
N TYR A 115 -23.28 -2.16 15.76
CA TYR A 115 -22.49 -1.33 16.65
C TYR A 115 -22.28 0.07 16.09
N PHE A 116 -21.82 0.15 14.84
CA PHE A 116 -21.54 1.46 14.27
C PHE A 116 -22.83 2.23 14.02
N LYS A 117 -23.87 1.56 13.50
CA LYS A 117 -25.13 2.24 13.25
C LYS A 117 -25.73 2.81 14.54
N THR A 118 -25.59 2.09 15.66
CA THR A 118 -26.08 2.58 16.94
C THR A 118 -25.41 3.91 17.31
N LEU A 119 -24.09 3.98 17.17
CA LEU A 119 -23.38 5.21 17.45
C LEU A 119 -23.86 6.33 16.51
N CYS A 120 -24.08 6.00 15.24
CA CYS A 120 -24.55 7.00 14.30
C CYS A 120 -25.92 7.54 14.72
N GLU A 121 -26.84 6.64 15.09
CA GLU A 121 -28.18 7.07 15.48
C GLU A 121 -28.15 8.08 16.61
N VAL A 122 -27.21 7.94 17.54
CA VAL A 122 -27.19 8.81 18.71
C VAL A 122 -26.25 10.00 18.54
N SER A 123 -25.45 10.04 17.47
CA SER A 123 -24.37 11.03 17.43
C SER A 123 -24.91 12.41 17.08
N PRO A 124 -24.53 13.44 17.84
CA PRO A 124 -24.78 14.84 17.44
C PRO A 124 -23.71 15.42 16.52
N HIS A 125 -22.81 14.61 16.00
CA HIS A 125 -21.75 15.10 15.15
C HIS A 125 -21.51 14.12 14.01
N PRO A 126 -20.77 14.51 12.97
CA PRO A 126 -20.29 13.54 12.00
C PRO A 126 -19.52 12.42 12.69
N VAL A 127 -19.61 11.22 12.12
CA VAL A 127 -18.99 10.03 12.69
C VAL A 127 -17.89 9.56 11.76
N TYR A 128 -16.75 9.26 12.33
CA TYR A 128 -15.59 8.77 11.61
C TYR A 128 -15.32 7.33 12.01
N LEU A 129 -15.20 6.45 11.03
CA LEU A 129 -14.69 5.11 11.25
C LEU A 129 -13.16 5.12 11.38
N PHE A 130 -12.66 4.52 12.47
N PHE A 130 -12.64 4.45 12.40
CA PHE A 130 -11.26 4.19 12.67
CA PHE A 130 -11.20 4.26 12.53
C PHE A 130 -11.11 2.69 12.37
C PHE A 130 -10.91 2.77 12.42
N ASN A 131 -10.53 2.37 11.21
CA ASN A 131 -10.31 0.97 10.84
C ASN A 131 -8.86 0.60 11.16
N TYR A 132 -8.69 -0.42 11.99
CA TYR A 132 -7.36 -0.83 12.46
C TYR A 132 -7.39 -2.33 12.65
N PRO A 133 -7.30 -3.10 11.56
CA PRO A 133 -7.52 -4.55 11.68
C PRO A 133 -6.53 -5.26 12.58
N THR A 134 -5.27 -4.85 12.59
CA THR A 134 -4.29 -5.55 13.43
C THR A 134 -4.61 -5.37 14.91
N ALA A 135 -5.07 -4.18 15.29
CA ALA A 135 -5.33 -3.88 16.68
C ALA A 135 -6.64 -4.47 17.16
N THR A 136 -7.67 -4.47 16.30
CA THR A 136 -9.00 -4.89 16.71
C THR A 136 -9.35 -6.32 16.34
N GLY A 137 -8.59 -6.94 15.43
CA GLY A 137 -8.93 -8.24 14.91
C GLY A 137 -10.02 -8.28 13.86
N LYS A 138 -10.64 -7.15 13.52
CA LYS A 138 -11.66 -7.08 12.50
C LYS A 138 -11.29 -6.04 11.47
N ASP A 139 -11.73 -6.25 10.24
CA ASP A 139 -11.63 -5.26 9.19
C ASP A 139 -13.01 -4.74 8.83
N ILE A 140 -13.19 -3.41 8.88
CA ILE A 140 -14.42 -2.78 8.38
C ILE A 140 -14.09 -2.14 7.04
N ASP A 141 -14.13 -2.93 5.97
CA ASP A 141 -13.58 -2.49 4.70
C ASP A 141 -14.57 -1.55 4.02
N ALA A 142 -14.26 -1.15 2.79
CA ALA A 142 -15.05 -0.12 2.12
C ALA A 142 -16.48 -0.60 1.90
N LYS A 143 -16.67 -1.89 1.62
CA LYS A 143 -18.01 -2.42 1.42
C LYS A 143 -18.83 -2.37 2.71
N VAL A 144 -18.22 -2.75 3.83
CA VAL A 144 -18.98 -2.75 5.08
C VAL A 144 -19.24 -1.31 5.51
N ALA A 145 -18.26 -0.44 5.30
CA ALA A 145 -18.47 0.97 5.58
C ALA A 145 -19.62 1.54 4.75
N LYS A 146 -19.71 1.15 3.48
CA LYS A 146 -20.85 1.56 2.66
C LYS A 146 -22.15 1.01 3.24
N GLU A 147 -22.16 -0.27 3.61
CA GLU A 147 -23.34 -0.88 4.22
C GLU A 147 -23.78 -0.11 5.45
N ILE A 148 -22.84 0.26 6.32
CA ILE A 148 -23.17 1.03 7.52
C ILE A 148 -23.74 2.40 7.14
N GLY A 149 -23.13 3.05 6.15
CA GLY A 149 -23.78 4.14 5.43
C GLY A 149 -23.88 5.48 6.12
N CYS A 150 -23.21 5.68 7.26
CA CYS A 150 -23.37 6.93 8.00
C CYS A 150 -22.04 7.60 8.34
N PHE A 151 -20.94 7.12 7.78
CA PHE A 151 -19.63 7.69 8.09
C PHE A 151 -19.34 8.90 7.21
N THR A 152 -18.79 9.94 7.84
CA THR A 152 -18.29 11.10 7.11
C THR A 152 -16.85 10.93 6.66
N GLY A 153 -16.06 10.16 7.41
CA GLY A 153 -14.71 9.83 6.99
C GLY A 153 -14.28 8.50 7.59
N VAL A 154 -13.12 8.04 7.12
CA VAL A 154 -12.49 6.84 7.64
C VAL A 154 -11.01 7.13 7.78
N LYS A 155 -10.41 6.64 8.87
CA LYS A 155 -8.96 6.51 9.01
C LYS A 155 -8.64 5.02 8.87
N ASP A 156 -7.84 4.67 7.89
CA ASP A 156 -7.52 3.28 7.57
C ASP A 156 -6.08 3.03 7.98
N THR A 157 -5.88 2.30 9.07
CA THR A 157 -4.55 2.01 9.58
C THR A 157 -4.22 0.62 9.08
N ILE A 158 -3.50 0.57 7.97
CA ILE A 158 -3.22 -0.66 7.24
C ILE A 158 -2.18 -0.32 6.17
N GLU A 159 -1.26 -1.25 5.94
CA GLU A 159 -0.17 -1.02 4.99
C GLU A 159 -0.63 -1.10 3.53
N ASN A 160 -1.74 -1.81 3.29
CA ASN A 160 -2.29 -2.01 1.96
C ASN A 160 -3.09 -0.78 1.53
N ILE A 161 -2.48 0.06 0.70
CA ILE A 161 -3.16 1.28 0.30
C ILE A 161 -4.26 1.03 -0.72
N ILE A 162 -4.25 -0.14 -1.37
CA ILE A 162 -5.38 -0.58 -2.19
C ILE A 162 -6.67 -0.57 -1.37
N HIS A 163 -6.58 -1.16 -0.17
CA HIS A 163 -7.69 -1.19 0.78
C HIS A 163 -8.18 0.22 1.08
N THR A 164 -7.24 1.14 1.33
CA THR A 164 -7.57 2.51 1.64
C THR A 164 -8.23 3.21 0.47
N LEU A 165 -7.66 3.05 -0.73
CA LEU A 165 -8.26 3.65 -1.93
C LEU A 165 -9.68 3.15 -2.18
N ASP A 166 -9.95 1.88 -1.84
CA ASP A 166 -11.27 1.32 -2.09
C ASP A 166 -12.38 2.07 -1.35
N TYR A 167 -12.05 2.74 -0.23
CA TYR A 167 -13.08 3.54 0.45
C TYR A 167 -13.55 4.68 -0.44
N LYS A 168 -12.62 5.35 -1.13
CA LYS A 168 -12.96 6.41 -2.08
C LYS A 168 -13.74 5.84 -3.26
N ARG A 169 -13.35 4.65 -3.75
CA ARG A 169 -13.95 4.11 -4.95
C ARG A 169 -15.41 3.71 -4.70
N LEU A 170 -15.72 3.19 -3.51
CA LEU A 170 -17.09 2.79 -3.20
C LEU A 170 -17.88 3.86 -2.45
N ASN A 171 -17.23 4.85 -1.86
CA ASN A 171 -17.87 5.93 -1.11
C ASN A 171 -17.22 7.24 -1.53
N PRO A 172 -17.58 7.76 -2.72
CA PRO A 172 -16.84 8.92 -3.26
C PRO A 172 -16.94 10.17 -2.42
N ASN A 173 -17.96 10.31 -1.59
CA ASN A 173 -18.07 11.50 -0.75
C ASN A 173 -17.43 11.36 0.63
N MET A 174 -16.85 10.20 0.92
CA MET A 174 -16.21 10.00 2.21
C MET A 174 -14.83 10.62 2.22
N LEU A 175 -14.51 11.33 3.30
CA LEU A 175 -13.13 11.66 3.60
C LEU A 175 -12.35 10.38 3.90
N VAL A 176 -11.17 10.23 3.31
CA VAL A 176 -10.39 9.00 3.49
C VAL A 176 -8.98 9.39 3.91
N TYR A 177 -8.60 8.99 5.13
CA TYR A 177 -7.28 9.22 5.68
C TYR A 177 -6.54 7.90 5.87
N SER A 178 -5.21 7.98 5.84
CA SER A 178 -4.37 6.85 6.18
C SER A 178 -3.85 6.99 7.61
N GLY A 179 -3.61 5.86 8.25
CA GLY A 179 -2.95 5.83 9.54
C GLY A 179 -1.51 5.39 9.49
N SER A 180 -0.92 5.28 8.30
CA SER A 180 0.44 4.78 8.14
C SER A 180 1.36 5.97 7.86
N ASP A 181 2.15 6.35 8.86
CA ASP A 181 3.03 7.52 8.74
C ASP A 181 4.00 7.43 7.58
N MET A 182 4.36 6.20 7.18
CA MET A 182 5.32 6.00 6.11
C MET A 182 4.71 6.26 4.75
N LEU A 183 3.44 6.62 4.71
CA LEU A 183 2.71 6.88 3.46
C LEU A 183 2.20 8.31 3.33
N ILE A 184 2.75 9.26 4.08
CA ILE A 184 2.21 10.63 4.02
C ILE A 184 2.41 11.21 2.63
N ALA A 185 3.62 11.05 2.07
CA ALA A 185 3.88 11.58 0.73
C ALA A 185 3.04 10.87 -0.32
N THR A 186 2.87 9.55 -0.18
CA THR A 186 2.14 8.80 -1.18
C THR A 186 0.66 9.14 -1.12
N VAL A 187 0.12 9.21 0.10
CA VAL A 187 -1.30 9.48 0.30
C VAL A 187 -1.64 10.85 -0.25
N ALA A 188 -0.81 11.85 0.06
CA ALA A 188 -1.08 13.22 -0.40
C ALA A 188 -1.01 13.32 -1.91
N SER A 189 -0.23 12.47 -2.56
CA SER A 189 -0.02 12.58 -4.00
C SER A 189 -0.99 11.72 -4.82
N THR A 190 -1.68 10.77 -4.21
CA THR A 190 -2.60 9.91 -4.94
C THR A 190 -4.07 10.30 -4.76
N GLY A 191 -4.36 11.49 -4.26
CA GLY A 191 -5.73 11.96 -4.20
C GLY A 191 -6.51 11.59 -2.97
N LEU A 192 -5.84 11.21 -1.89
CA LEU A 192 -6.52 10.90 -0.64
C LEU A 192 -6.49 12.13 0.25
N ASP A 193 -7.21 12.06 1.36
CA ASP A 193 -7.45 13.27 2.14
C ASP A 193 -6.46 13.49 3.27
N GLY A 194 -5.44 12.64 3.43
CA GLY A 194 -4.38 12.92 4.35
C GLY A 194 -4.08 11.76 5.28
N ASN A 195 -3.34 12.07 6.35
CA ASN A 195 -2.88 11.07 7.30
C ASN A 195 -3.19 11.50 8.72
N VAL A 196 -3.65 10.55 9.53
CA VAL A 196 -3.60 10.67 10.99
C VAL A 196 -2.25 10.08 11.38
N ALA A 197 -1.29 10.94 11.69
CA ALA A 197 0.12 10.57 11.74
C ALA A 197 0.61 10.61 13.18
N PHE A 198 0.88 9.44 13.77
CA PHE A 198 1.35 9.41 15.14
C PHE A 198 2.68 10.12 15.29
N GLY A 199 3.53 10.08 14.26
CA GLY A 199 4.81 10.77 14.34
C GLY A 199 4.71 12.28 14.21
N SER A 200 3.53 12.81 13.90
CA SER A 200 3.32 14.26 13.99
C SER A 200 3.27 14.73 15.44
N ASN A 201 3.14 13.80 16.41
CA ASN A 201 3.29 14.17 17.81
C ASN A 201 4.67 14.77 18.09
N TYR A 202 5.72 14.17 17.55
CA TYR A 202 7.08 14.59 17.85
C TYR A 202 7.78 15.32 16.72
N LEU A 203 7.34 15.15 15.47
CA LEU A 203 7.90 15.88 14.34
C LEU A 203 6.79 16.49 13.49
N PRO A 204 5.89 17.27 14.10
CA PRO A 204 4.86 17.94 13.28
C PRO A 204 5.45 18.72 12.12
N GLU A 205 6.64 19.32 12.30
CA GLU A 205 7.27 20.07 11.21
C GLU A 205 7.54 19.16 10.02
N VAL A 206 8.01 17.95 10.28
CA VAL A 206 8.28 17.02 9.19
C VAL A 206 6.99 16.65 8.48
N THR A 207 5.98 16.23 9.26
CA THR A 207 4.77 15.71 8.64
C THR A 207 4.07 16.78 7.81
N VAL A 208 4.02 18.01 8.33
CA VAL A 208 3.41 19.10 7.57
C VAL A 208 4.20 19.41 6.31
N THR A 209 5.53 19.41 6.40
CA THR A 209 6.31 19.76 5.23
C THR A 209 6.25 18.68 4.16
N ILE A 210 6.17 17.40 4.56
CA ILE A 210 6.00 16.36 3.55
C ILE A 210 4.71 16.60 2.78
N LYS A 211 3.62 16.86 3.50
CA LYS A 211 2.34 17.11 2.84
C LYS A 211 2.46 18.27 1.85
N LYS A 212 3.13 19.34 2.27
CA LYS A 212 3.31 20.52 1.43
C LYS A 212 4.08 20.20 0.15
N LEU A 213 5.28 19.62 0.30
CA LEU A 213 6.06 19.24 -0.86
C LEU A 213 5.26 18.35 -1.80
N ALA A 214 4.47 17.42 -1.24
CA ALA A 214 3.68 16.56 -2.11
C ALA A 214 2.61 17.35 -2.83
N MET A 215 1.95 18.28 -2.14
CA MET A 215 0.91 19.08 -2.78
C MET A 215 1.47 19.91 -3.93
N GLU A 216 2.72 20.36 -3.82
CA GLU A 216 3.39 21.10 -4.89
C GLU A 216 3.91 20.18 -5.99
N ARG A 217 3.65 18.88 -5.91
CA ARG A 217 4.16 17.90 -6.84
C ARG A 217 5.70 17.85 -6.86
N LYS A 218 6.33 18.23 -5.75
CA LYS A 218 7.75 17.98 -5.55
C LYS A 218 7.94 16.61 -4.87
N ILE A 219 7.57 15.57 -5.60
CA ILE A 219 7.49 14.24 -4.99
C ILE A 219 8.86 13.76 -4.55
N ASP A 220 9.91 14.04 -5.35
CA ASP A 220 11.24 13.56 -4.98
C ASP A 220 11.70 14.15 -3.66
N GLU A 221 11.41 15.43 -3.43
CA GLU A 221 11.78 16.11 -2.20
C GLU A 221 10.90 15.67 -1.03
N ALA A 222 9.62 15.38 -1.30
CA ALA A 222 8.75 14.81 -0.28
C ALA A 222 9.20 13.41 0.13
N LEU A 223 9.71 12.61 -0.82
CA LEU A 223 10.18 11.28 -0.47
C LEU A 223 11.44 11.33 0.39
N LYS A 224 12.36 12.26 0.10
CA LYS A 224 13.57 12.34 0.92
C LYS A 224 13.21 12.61 2.37
N LEU A 225 12.24 13.48 2.61
CA LEU A 225 11.83 13.79 3.97
C LEU A 225 10.99 12.67 4.56
N GLN A 226 10.14 12.05 3.73
CA GLN A 226 9.41 10.85 4.15
C GLN A 226 10.37 9.76 4.62
N PHE A 227 11.47 9.56 3.89
CA PHE A 227 12.43 8.52 4.22
C PHE A 227 13.18 8.83 5.51
N LEU A 228 13.42 10.11 5.82
CA LEU A 228 13.97 10.44 7.12
C LEU A 228 12.97 10.21 8.23
N HIS A 229 11.71 10.61 7.99
CA HIS A 229 10.64 10.29 8.94
C HIS A 229 10.53 8.78 9.14
N ASP A 230 10.65 7.99 8.07
CA ASP A 230 10.62 6.54 8.22
C ASP A 230 11.70 6.05 9.19
N GLU A 231 12.87 6.69 9.16
CA GLU A 231 13.96 6.24 10.05
C GLU A 231 13.65 6.52 11.52
N VAL A 232 12.96 7.62 11.82
CA VAL A 232 12.59 7.92 13.21
C VAL A 232 11.55 6.92 13.70
N ILE A 233 10.57 6.57 12.85
CA ILE A 233 9.58 5.56 13.24
C ILE A 233 10.27 4.22 13.53
N GLU A 234 11.22 3.83 12.68
CA GLU A 234 11.93 2.57 12.90
C GLU A 234 12.68 2.57 14.22
N ALA A 235 13.30 3.70 14.56
CA ALA A 235 13.98 3.82 15.85
C ALA A 235 12.99 3.75 17.01
N SER A 236 11.79 4.32 16.84
CA SER A 236 10.81 4.30 17.94
C SER A 236 10.38 2.89 18.27
N ARG A 237 10.42 1.98 17.29
CA ARG A 237 9.96 0.61 17.48
C ARG A 237 10.93 -0.23 18.30
N ILE A 238 12.22 0.12 18.30
CA ILE A 238 13.21 -0.69 19.00
C ILE A 238 12.76 -0.99 20.43
N PHE A 239 12.43 0.04 21.19
CA PHE A 239 11.97 -0.13 22.56
C PHE A 239 10.45 -0.10 22.70
N GLY A 240 9.72 0.02 21.60
CA GLY A 240 8.27 0.09 21.65
C GLY A 240 7.76 1.49 21.33
N SER A 241 6.93 1.61 20.28
CA SER A 241 6.58 2.90 19.69
C SER A 241 5.79 3.76 20.66
N LEU A 242 4.78 3.16 21.31
CA LEU A 242 3.87 3.92 22.15
C LEU A 242 4.60 4.52 23.34
N SER A 243 5.56 3.78 23.91
CA SER A 243 6.39 4.34 24.96
C SER A 243 7.40 5.34 24.39
N SER A 244 7.99 5.02 23.23
CA SER A 244 9.05 5.85 22.69
C SER A 244 8.54 7.21 22.22
N ASN A 245 7.27 7.31 21.87
CA ASN A 245 6.72 8.58 21.39
C ASN A 245 6.83 9.65 22.48
N TYR A 246 6.65 9.28 23.75
CA TYR A 246 6.89 10.21 24.85
C TYR A 246 8.31 10.76 24.79
N VAL A 247 9.30 9.88 24.68
CA VAL A 247 10.69 10.30 24.67
C VAL A 247 10.99 11.17 23.45
N LEU A 248 10.46 10.79 22.29
CA LEU A 248 10.75 11.54 21.06
C LEU A 248 10.10 12.93 21.06
N THR A 249 8.91 13.07 21.64
CA THR A 249 8.29 14.39 21.69
C THR A 249 9.08 15.33 22.60
N LYS A 250 9.62 14.80 23.70
CA LYS A 250 10.46 15.62 24.57
C LYS A 250 11.75 16.04 23.88
N TYR A 251 12.35 15.11 23.12
CA TYR A 251 13.62 15.41 22.44
C TYR A 251 13.45 16.45 21.35
N PHE A 252 12.39 16.34 20.55
CA PHE A 252 12.28 17.15 19.34
C PHE A 252 11.53 18.44 19.61
N GLN A 253 10.54 18.41 20.49
CA GLN A 253 9.69 19.55 20.76
C GLN A 253 10.02 20.24 22.09
N GLY A 254 10.89 19.67 22.91
CA GLY A 254 11.44 20.40 24.04
C GLY A 254 10.63 20.43 25.32
N TYR A 255 9.47 19.78 25.38
CA TYR A 255 8.69 19.77 26.60
C TYR A 255 8.36 18.34 27.00
N ASP A 256 8.09 18.16 28.28
CA ASP A 256 7.86 16.87 28.90
C ASP A 256 6.40 16.44 28.70
N LEU A 257 6.18 15.18 28.31
CA LEU A 257 4.82 14.64 28.26
C LEU A 257 4.57 13.59 29.35
N GLY A 258 5.34 13.62 30.43
CA GLY A 258 5.06 12.74 31.55
C GLY A 258 5.31 11.29 31.18
N TYR A 259 4.40 10.42 31.59
CA TYR A 259 4.55 8.97 31.51
C TYR A 259 3.43 8.35 30.67
N PRO A 260 3.65 7.16 30.12
CA PRO A 260 2.52 6.37 29.59
C PRO A 260 1.79 5.65 30.72
N ARG A 261 0.78 4.87 30.36
CA ARG A 261 0.05 4.06 31.33
C ARG A 261 0.43 2.59 31.20
N PRO A 262 1.09 2.00 32.20
CA PRO A 262 1.44 0.56 32.14
C PRO A 262 0.22 -0.30 31.88
N PRO A 263 0.36 -1.37 31.09
CA PRO A 263 1.58 -2.02 30.58
C PRO A 263 2.32 -1.36 29.44
N ILE A 264 1.92 -0.14 29.07
CA ILE A 264 2.76 0.68 28.22
C ILE A 264 3.80 1.30 29.15
N PHE A 265 4.90 0.62 29.38
CA PHE A 265 5.83 1.11 30.37
C PHE A 265 6.74 2.18 29.77
N PRO A 266 7.15 3.15 30.57
CA PRO A 266 8.04 4.20 30.05
C PRO A 266 9.42 3.64 29.76
N LEU A 267 10.12 4.25 28.81
CA LEU A 267 11.51 3.90 28.61
C LEU A 267 12.30 4.26 29.87
N ASP A 268 13.36 3.50 30.16
CA ASP A 268 14.26 3.87 31.24
C ASP A 268 15.39 4.75 30.69
N ASP A 269 16.13 5.38 31.61
CA ASP A 269 17.09 6.43 31.23
C ASP A 269 18.07 5.94 30.17
N GLU A 270 18.50 4.68 30.28
CA GLU A 270 19.41 4.13 29.28
C GLU A 270 18.71 3.94 27.94
N GLU A 271 17.50 3.35 27.96
CA GLU A 271 16.74 3.20 26.73
C GLU A 271 16.56 4.56 26.05
N GLU A 272 16.24 5.59 26.85
CA GLU A 272 16.15 6.96 26.32
C GLU A 272 17.45 7.36 25.61
N ARG A 273 18.59 7.14 26.27
N ARG A 273 18.59 7.13 26.26
CA ARG A 273 19.86 7.52 25.66
CA ARG A 273 19.86 7.52 25.67
C ARG A 273 20.06 6.82 24.33
C ARG A 273 20.10 6.81 24.34
N GLN A 274 19.83 5.51 24.28
CA GLN A 274 20.08 4.76 23.04
C GLN A 274 19.15 5.22 21.92
N LEU A 275 17.92 5.60 22.26
CA LEU A 275 16.98 6.09 21.26
C LEU A 275 17.43 7.44 20.72
N ILE A 276 17.79 8.37 21.61
CA ILE A 276 18.30 9.67 21.18
C ILE A 276 19.49 9.49 20.26
N LYS A 277 20.45 8.66 20.67
CA LYS A 277 21.60 8.37 19.83
C LYS A 277 21.18 7.89 18.46
N LYS A 278 20.08 7.12 18.39
CA LYS A 278 19.61 6.61 17.10
C LYS A 278 19.06 7.70 16.19
N VAL A 279 18.59 8.82 16.74
CA VAL A 279 17.89 9.83 15.95
C VAL A 279 18.59 11.18 15.95
N GLU A 280 19.66 11.37 16.73
CA GLU A 280 20.25 12.70 16.81
C GLU A 280 20.91 13.09 15.49
N GLY A 281 21.41 12.11 14.74
CA GLY A 281 21.86 12.40 13.39
C GLY A 281 20.74 12.91 12.52
N ILE A 282 19.56 12.27 12.61
CA ILE A 282 18.40 12.71 11.84
C ILE A 282 18.04 14.15 12.20
N ARG A 283 18.10 14.49 13.49
CA ARG A 283 17.81 15.86 13.92
C ARG A 283 18.75 16.85 13.25
N ALA A 284 20.06 16.54 13.24
CA ALA A 284 21.03 17.39 12.56
C ALA A 284 20.68 17.54 11.08
N LYS A 285 20.42 16.43 10.40
CA LYS A 285 20.01 16.48 9.00
C LYS A 285 18.79 17.38 8.82
N LEU A 286 17.89 17.38 9.80
CA LEU A 286 16.68 18.19 9.72
C LEU A 286 16.97 19.66 10.02
N VAL A 287 17.82 19.93 11.01
CA VAL A 287 18.24 21.31 11.25
C VAL A 287 18.92 21.85 10.00
N GLU A 288 19.87 21.10 9.46
CA GLU A 288 20.52 21.49 8.20
C GLU A 288 19.48 21.82 7.13
N LEU A 289 18.51 20.94 6.94
CA LEU A 289 17.46 21.21 5.95
C LEU A 289 16.53 22.34 6.33
N LYS A 290 16.70 22.93 7.52
CA LYS A 290 15.90 24.06 8.00
C LYS A 290 14.44 23.68 8.26
N ILE A 291 14.17 22.43 8.55
CA ILE A 291 12.82 22.02 8.94
C ILE A 291 12.64 22.17 10.45
N LEU A 292 13.70 21.89 11.19
CA LEU A 292 13.75 22.12 12.62
C LEU A 292 14.72 23.26 12.90
N LYS A 293 14.36 24.10 13.87
CA LYS A 293 15.23 25.18 14.32
C LYS A 293 16.41 24.60 15.10
N GLU A 294 17.42 25.46 15.34
CA GLU A 294 18.52 25.24 16.28
C GLU A 294 19.80 24.76 15.59
N PRO B 2 7.19 7.04 -15.67
CA PRO B 2 7.02 5.62 -15.33
C PRO B 2 6.52 4.79 -16.51
N GLU B 3 6.67 3.47 -16.39
CA GLU B 3 6.41 2.52 -17.45
C GLU B 3 5.27 1.59 -17.10
N ILE B 4 4.63 1.04 -18.13
CA ILE B 4 3.70 -0.06 -18.01
C ILE B 4 4.37 -1.26 -18.68
N ILE B 5 4.56 -2.34 -17.93
CA ILE B 5 5.19 -3.56 -18.45
C ILE B 5 4.16 -4.70 -18.41
N THR B 6 3.98 -5.37 -19.54
CA THR B 6 2.99 -6.45 -19.62
C THR B 6 3.64 -7.78 -19.28
N PRO B 7 3.23 -8.47 -18.19
CA PRO B 7 3.62 -9.88 -18.03
C PRO B 7 2.78 -10.70 -19.01
N ILE B 8 3.37 -11.05 -20.14
CA ILE B 8 2.58 -11.45 -21.30
C ILE B 8 2.09 -12.88 -21.14
N ILE B 9 0.85 -13.10 -21.57
CA ILE B 9 0.22 -14.41 -21.57
C ILE B 9 0.92 -15.34 -22.54
N THR B 10 1.07 -16.61 -22.15
CA THR B 10 1.57 -17.65 -23.04
C THR B 10 0.38 -18.39 -23.62
N PRO B 11 0.06 -18.24 -24.90
CA PRO B 11 -1.02 -19.05 -25.49
C PRO B 11 -0.58 -20.47 -25.76
N PHE B 12 -1.44 -21.42 -25.44
CA PHE B 12 -1.17 -22.83 -25.71
C PHE B 12 -2.13 -23.37 -26.76
N THR B 13 -1.67 -24.40 -27.47
CA THR B 13 -2.48 -25.07 -28.46
C THR B 13 -3.44 -26.02 -27.75
N LYS B 14 -4.32 -26.67 -28.52
CA LYS B 14 -5.16 -27.72 -27.95
C LYS B 14 -4.31 -28.89 -27.45
N ASP B 15 -3.15 -29.13 -28.06
CA ASP B 15 -2.23 -30.19 -27.65
C ASP B 15 -1.18 -29.70 -26.64
N ASN B 16 -1.46 -28.63 -25.89
CA ASN B 16 -0.62 -28.21 -24.77
C ASN B 16 0.81 -27.84 -25.22
N ARG B 17 0.91 -27.25 -26.40
N ARG B 17 0.91 -27.24 -26.40
CA ARG B 17 2.16 -26.66 -26.88
CA ARG B 17 2.17 -26.67 -26.88
C ARG B 17 1.98 -25.15 -26.98
C ARG B 17 1.99 -25.17 -27.02
N ILE B 18 3.11 -24.44 -26.96
CA ILE B 18 3.04 -22.98 -27.10
C ILE B 18 2.65 -22.64 -28.52
N ASP B 19 1.61 -21.81 -28.66
CA ASP B 19 1.13 -21.33 -29.95
C ASP B 19 1.89 -20.05 -30.29
N LYS B 20 3.02 -20.21 -30.99
CA LYS B 20 3.94 -19.08 -31.19
C LYS B 20 3.31 -17.97 -32.02
N GLU B 21 2.51 -18.36 -33.03
N GLU B 21 2.52 -18.34 -33.04
CA GLU B 21 1.92 -17.38 -33.93
CA GLU B 21 1.97 -17.30 -33.90
C GLU B 21 0.93 -16.49 -33.21
C GLU B 21 0.94 -16.45 -33.17
N LYS B 22 0.14 -17.06 -32.28
CA LYS B 22 -0.79 -16.26 -31.51
C LYS B 22 -0.06 -15.35 -30.53
N LEU B 23 1.09 -15.82 -30.02
CA LEU B 23 1.87 -15.01 -29.12
C LEU B 23 2.44 -13.79 -29.83
N LYS B 24 2.95 -13.98 -31.05
CA LYS B 24 3.51 -12.87 -31.81
C LYS B 24 2.46 -11.81 -32.10
N ILE B 25 1.25 -12.24 -32.44
CA ILE B 25 0.16 -11.30 -32.67
C ILE B 25 -0.17 -10.55 -31.40
N HIS B 26 -0.14 -11.24 -30.25
CA HIS B 26 -0.45 -10.58 -28.98
C HIS B 26 0.64 -9.56 -28.64
N ALA B 27 1.91 -9.96 -28.71
CA ALA B 27 3.00 -9.04 -28.40
C ALA B 27 2.98 -7.83 -29.32
N GLU B 28 2.74 -8.05 -30.61
CA GLU B 28 2.69 -6.96 -31.57
C GLU B 28 1.64 -5.94 -31.18
N ASN B 29 0.44 -6.39 -30.84
CA ASN B 29 -0.62 -5.47 -30.44
C ASN B 29 -0.23 -4.71 -29.18
N LEU B 30 0.38 -5.40 -28.21
CA LEU B 30 0.76 -4.74 -26.97
C LEU B 30 1.69 -3.58 -27.25
N ILE B 31 2.74 -3.81 -28.05
CA ILE B 31 3.71 -2.76 -28.32
C ILE B 31 3.06 -1.61 -29.06
N ARG B 32 2.19 -1.93 -30.02
CA ARG B 32 1.50 -0.91 -30.80
C ARG B 32 0.64 -0.03 -29.92
N LYS B 33 0.10 -0.57 -28.83
CA LYS B 33 -0.76 0.16 -27.93
C LYS B 33 0.00 0.89 -26.83
N GLY B 34 1.31 0.87 -26.84
CA GLY B 34 2.09 1.71 -25.96
C GLY B 34 2.73 1.02 -24.77
N ILE B 35 2.65 -0.30 -24.69
CA ILE B 35 3.35 -1.01 -23.62
C ILE B 35 4.84 -0.82 -23.83
N ASP B 36 5.55 -0.43 -22.77
CA ASP B 36 6.97 -0.14 -22.85
C ASP B 36 7.79 -1.41 -23.00
N LYS B 37 7.46 -2.45 -22.23
CA LYS B 37 8.25 -3.67 -22.23
C LYS B 37 7.35 -4.87 -21.91
N LEU B 38 7.84 -6.06 -22.28
CA LEU B 38 7.15 -7.32 -22.07
C LEU B 38 7.95 -8.19 -21.11
N PHE B 39 7.32 -8.60 -20.02
CA PHE B 39 7.92 -9.53 -19.06
C PHE B 39 7.49 -10.95 -19.44
N VAL B 40 8.46 -11.77 -19.90
CA VAL B 40 8.20 -13.09 -20.49
C VAL B 40 8.47 -14.18 -19.46
N ASN B 41 7.58 -15.18 -19.41
CA ASN B 41 7.70 -16.32 -18.48
C ASN B 41 7.42 -15.90 -17.04
N GLY B 42 6.62 -14.86 -16.86
CA GLY B 42 6.15 -14.50 -15.54
C GLY B 42 4.95 -15.34 -15.12
N THR B 43 4.42 -14.99 -13.96
CA THR B 43 3.26 -15.71 -13.41
C THR B 43 2.13 -15.75 -14.43
N THR B 44 1.76 -14.58 -14.94
CA THR B 44 0.66 -14.45 -15.90
C THR B 44 0.90 -15.28 -17.15
N GLY B 45 2.16 -15.49 -17.52
CA GLY B 45 2.57 -16.34 -18.62
C GLY B 45 2.73 -17.80 -18.26
N LEU B 46 2.33 -18.18 -17.04
CA LEU B 46 2.48 -19.54 -16.52
C LEU B 46 3.93 -20.02 -16.59
N GLY B 47 4.85 -19.10 -16.33
CA GLY B 47 6.27 -19.43 -16.34
C GLY B 47 6.62 -20.67 -15.56
N PRO B 48 6.12 -20.75 -14.32
CA PRO B 48 6.44 -21.92 -13.49
C PRO B 48 5.96 -23.23 -14.09
N SER B 49 5.01 -23.20 -15.03
CA SER B 49 4.52 -24.39 -15.69
C SER B 49 5.28 -24.73 -16.98
N LEU B 50 6.28 -23.94 -17.35
CA LEU B 50 7.03 -24.16 -18.58
C LEU B 50 8.37 -24.83 -18.30
N SER B 51 8.76 -25.75 -19.17
CA SER B 51 10.11 -26.30 -19.14
C SER B 51 11.13 -25.22 -19.46
N PRO B 52 12.41 -25.47 -19.18
CA PRO B 52 13.46 -24.54 -19.67
C PRO B 52 13.37 -24.30 -21.16
N GLU B 53 13.17 -25.38 -21.92
CA GLU B 53 13.10 -25.29 -23.37
C GLU B 53 11.90 -24.47 -23.84
N GLU B 54 10.79 -24.58 -23.12
CA GLU B 54 9.61 -23.76 -23.42
C GLU B 54 9.82 -22.30 -23.05
N LYS B 55 10.51 -22.04 -21.94
CA LYS B 55 10.84 -20.65 -21.59
C LYS B 55 11.67 -20.00 -22.69
N LEU B 56 12.68 -20.71 -23.21
CA LEU B 56 13.46 -20.22 -24.35
C LEU B 56 12.59 -20.04 -25.58
N GLU B 57 11.73 -21.02 -25.87
CA GLU B 57 10.77 -20.91 -26.97
C GLU B 57 10.04 -19.58 -26.90
N ASN B 58 9.57 -19.20 -25.71
CA ASN B 58 8.79 -18.00 -25.56
C ASN B 58 9.63 -16.75 -25.83
N LEU B 59 10.87 -16.73 -25.34
CA LEU B 59 11.78 -15.63 -25.65
C LEU B 59 11.93 -15.44 -27.16
N LYS B 60 12.23 -16.53 -27.86
CA LYS B 60 12.51 -16.41 -29.30
C LYS B 60 11.30 -15.90 -30.06
N ALA B 61 10.10 -16.38 -29.71
CA ALA B 61 8.89 -15.92 -30.37
C ALA B 61 8.68 -14.42 -30.16
N VAL B 62 8.75 -13.97 -28.91
CA VAL B 62 8.53 -12.56 -28.60
C VAL B 62 9.63 -11.69 -29.22
N TYR B 63 10.87 -12.20 -29.23
CA TYR B 63 11.98 -11.43 -29.79
C TYR B 63 11.83 -11.20 -31.28
N ASP B 64 11.07 -12.06 -31.96
CA ASP B 64 10.79 -11.82 -33.36
C ASP B 64 9.92 -10.59 -33.54
N VAL B 65 9.25 -10.15 -32.48
CA VAL B 65 8.41 -8.97 -32.53
C VAL B 65 9.10 -7.76 -31.91
N THR B 66 9.85 -7.95 -30.84
CA THR B 66 10.36 -6.79 -30.10
C THR B 66 11.54 -7.25 -29.27
N ASN B 67 12.52 -6.38 -29.12
CA ASN B 67 13.61 -6.69 -28.20
C ASN B 67 13.38 -6.15 -26.79
N LYS B 68 12.26 -5.45 -26.55
CA LYS B 68 12.01 -4.86 -25.23
C LYS B 68 11.45 -5.94 -24.30
N ILE B 69 12.34 -6.84 -23.89
CA ILE B 69 11.97 -8.05 -23.16
C ILE B 69 12.74 -8.13 -21.85
N ILE B 70 12.03 -8.43 -20.78
CA ILE B 70 12.64 -8.91 -19.55
C ILE B 70 12.35 -10.41 -19.48
N PHE B 71 13.41 -11.21 -19.44
CA PHE B 71 13.36 -12.66 -19.66
C PHE B 71 13.44 -13.38 -18.32
N GLN B 72 12.33 -13.95 -17.86
CA GLN B 72 12.30 -14.65 -16.58
C GLN B 72 12.80 -16.09 -16.76
N VAL B 73 13.78 -16.47 -15.95
CA VAL B 73 14.53 -17.72 -16.15
C VAL B 73 14.51 -18.63 -14.93
N GLY B 74 13.86 -18.23 -13.84
CA GLY B 74 14.06 -18.89 -12.56
C GLY B 74 13.38 -20.24 -12.50
N GLY B 75 13.76 -21.01 -11.49
CA GLY B 75 13.19 -22.33 -11.27
C GLY B 75 13.92 -23.03 -10.14
N LEU B 76 13.51 -24.28 -9.90
CA LEU B 76 14.08 -25.05 -8.80
C LEU B 76 15.27 -25.90 -9.24
N ASN B 77 15.69 -25.79 -10.49
CA ASN B 77 16.91 -26.41 -10.98
C ASN B 77 17.83 -25.26 -11.36
N LEU B 78 18.78 -24.93 -10.48
CA LEU B 78 19.66 -23.80 -10.72
C LEU B 78 20.48 -23.98 -12.00
N ASP B 79 20.85 -25.23 -12.34
CA ASP B 79 21.59 -25.47 -13.57
C ASP B 79 20.81 -25.02 -14.79
N ASP B 80 19.48 -25.25 -14.80
CA ASP B 80 18.68 -24.84 -15.95
C ASP B 80 18.57 -23.31 -16.00
N ALA B 81 18.30 -22.69 -14.84
CA ALA B 81 18.23 -21.23 -14.79
C ALA B 81 19.53 -20.59 -15.28
N ILE B 82 20.68 -21.14 -14.87
CA ILE B 82 21.96 -20.63 -15.33
C ILE B 82 22.07 -20.75 -16.86
N ARG B 83 21.73 -21.93 -17.39
N ARG B 83 21.70 -21.92 -17.40
CA ARG B 83 21.78 -22.13 -18.85
CA ARG B 83 21.80 -22.12 -18.84
C ARG B 83 20.95 -21.09 -19.58
C ARG B 83 20.93 -21.12 -19.59
N LEU B 84 19.70 -20.88 -19.13
CA LEU B 84 18.85 -19.89 -19.78
C LEU B 84 19.46 -18.48 -19.70
N ALA B 85 20.03 -18.14 -18.54
CA ALA B 85 20.69 -16.85 -18.38
C ALA B 85 21.78 -16.65 -19.44
N LYS B 86 22.66 -17.64 -19.59
CA LYS B 86 23.74 -17.54 -20.56
C LYS B 86 23.22 -17.49 -22.00
N LEU B 87 22.23 -18.33 -22.33
CA LEU B 87 21.65 -18.31 -23.67
C LEU B 87 21.20 -16.92 -24.10
N SER B 88 20.83 -16.07 -23.13
CA SER B 88 20.29 -14.78 -23.48
C SER B 88 21.38 -13.82 -23.98
N LYS B 89 22.65 -14.22 -23.86
CA LYS B 89 23.74 -13.34 -24.31
C LYS B 89 23.60 -12.92 -25.77
N ASP B 90 22.97 -13.75 -26.59
CA ASP B 90 22.84 -13.49 -28.02
C ASP B 90 21.61 -12.66 -28.36
N PHE B 91 20.90 -12.16 -27.35
CA PHE B 91 19.70 -11.36 -27.55
C PHE B 91 19.89 -9.97 -26.99
N ASP B 92 19.41 -8.97 -27.73
CA ASP B 92 19.44 -7.59 -27.25
C ASP B 92 18.16 -7.33 -26.46
N ILE B 93 18.16 -7.73 -25.20
CA ILE B 93 16.97 -7.62 -24.37
C ILE B 93 17.26 -6.68 -23.21
N VAL B 94 16.17 -6.26 -22.56
CA VAL B 94 16.29 -5.36 -21.42
C VAL B 94 16.99 -6.02 -20.24
N GLY B 95 16.64 -7.26 -19.93
CA GLY B 95 17.24 -7.93 -18.80
C GLY B 95 16.67 -9.33 -18.64
N ILE B 96 17.25 -10.06 -17.71
CA ILE B 96 16.70 -11.31 -17.24
C ILE B 96 16.08 -11.06 -15.86
N ALA B 97 15.26 -11.99 -15.40
CA ALA B 97 14.59 -11.86 -14.12
C ALA B 97 14.42 -13.25 -13.52
N SER B 98 14.23 -13.28 -12.20
CA SER B 98 13.84 -14.51 -11.55
C SER B 98 13.00 -14.19 -10.32
N TYR B 99 11.99 -15.03 -10.07
N TYR B 99 12.01 -15.05 -10.08
CA TYR B 99 11.35 -15.05 -8.76
CA TYR B 99 11.37 -15.14 -8.78
C TYR B 99 12.21 -15.87 -7.82
C TYR B 99 12.32 -15.80 -7.79
N ALA B 100 11.96 -15.71 -6.52
CA ALA B 100 12.67 -16.48 -5.51
C ALA B 100 12.33 -17.97 -5.68
N PRO B 101 13.21 -18.85 -5.22
CA PRO B 101 12.88 -20.29 -5.20
C PRO B 101 11.57 -20.53 -4.47
N TYR B 102 10.64 -21.21 -5.13
CA TYR B 102 9.30 -21.38 -4.60
C TYR B 102 9.13 -22.77 -3.97
N PHE B 103 7.90 -23.02 -3.51
CA PHE B 103 7.48 -24.21 -2.78
C PHE B 103 8.13 -24.35 -1.41
N TYR B 104 9.45 -24.50 -1.35
CA TYR B 104 10.06 -24.88 -0.07
C TYR B 104 10.00 -23.72 0.92
N PRO B 105 9.38 -23.90 2.09
CA PRO B 105 9.46 -22.86 3.12
C PRO B 105 10.71 -22.96 3.98
N ARG B 106 10.88 -22.01 4.88
CA ARG B 106 12.01 -22.01 5.80
C ARG B 106 13.34 -22.17 5.07
N MET B 107 13.48 -21.50 3.92
CA MET B 107 14.78 -21.45 3.25
C MET B 107 15.63 -20.38 3.93
N SER B 108 16.90 -20.68 4.16
CA SER B 108 17.76 -19.70 4.81
C SER B 108 17.97 -18.48 3.93
N GLU B 109 18.18 -17.33 4.58
CA GLU B 109 18.51 -16.14 3.81
C GLU B 109 19.81 -16.32 3.05
N LYS B 110 20.76 -17.08 3.62
CA LYS B 110 22.04 -17.25 2.94
C LYS B 110 21.86 -17.98 1.62
N HIS B 111 20.97 -18.97 1.61
CA HIS B 111 20.71 -19.73 0.40
C HIS B 111 19.92 -18.92 -0.62
N LEU B 112 18.97 -18.12 -0.15
CA LEU B 112 18.25 -17.24 -1.06
C LEU B 112 19.21 -16.24 -1.71
N VAL B 113 20.04 -15.57 -0.90
CA VAL B 113 21.02 -14.63 -1.45
C VAL B 113 21.94 -15.35 -2.42
N LYS B 114 22.40 -16.55 -2.06
CA LYS B 114 23.29 -17.30 -2.94
C LYS B 114 22.64 -17.59 -4.29
N TYR B 115 21.36 -17.98 -4.28
CA TYR B 115 20.66 -18.26 -5.54
C TYR B 115 20.69 -17.06 -6.48
N PHE B 116 20.34 -15.87 -5.97
CA PHE B 116 20.31 -14.69 -6.84
C PHE B 116 21.71 -14.24 -7.24
N LYS B 117 22.67 -14.30 -6.31
CA LYS B 117 24.03 -13.90 -6.65
C LYS B 117 24.62 -14.79 -7.71
N THR B 118 24.26 -16.08 -7.70
CA THR B 118 24.71 -16.98 -8.77
C THR B 118 24.17 -16.54 -10.12
N LEU B 119 22.89 -16.14 -10.18
CA LEU B 119 22.33 -15.71 -11.45
C LEU B 119 22.99 -14.42 -11.94
N CYS B 120 23.29 -13.52 -11.02
CA CYS B 120 24.00 -12.30 -11.39
C CYS B 120 25.38 -12.62 -11.93
N GLU B 121 26.10 -13.57 -11.29
CA GLU B 121 27.45 -13.89 -11.73
C GLU B 121 27.49 -14.34 -13.18
N VAL B 122 26.43 -15.01 -13.64
CA VAL B 122 26.44 -15.55 -14.99
C VAL B 122 25.67 -14.70 -15.98
N SER B 123 24.99 -13.64 -15.54
CA SER B 123 24.08 -12.99 -16.49
C SER B 123 24.87 -12.13 -17.48
N PRO B 124 24.53 -12.18 -18.77
CA PRO B 124 25.07 -11.19 -19.72
C PRO B 124 24.22 -9.94 -19.84
N HIS B 125 23.20 -9.80 -18.98
CA HIS B 125 22.28 -8.69 -19.05
C HIS B 125 21.96 -8.23 -17.65
N PRO B 126 21.38 -7.04 -17.49
CA PRO B 126 20.90 -6.62 -16.16
C PRO B 126 19.89 -7.61 -15.61
N VAL B 127 19.82 -7.67 -14.28
CA VAL B 127 19.04 -8.67 -13.56
C VAL B 127 17.98 -7.96 -12.73
N TYR B 128 16.73 -8.41 -12.88
CA TYR B 128 15.58 -7.90 -12.15
C TYR B 128 15.09 -8.90 -11.11
N LEU B 129 14.91 -8.42 -9.87
CA LEU B 129 14.27 -9.21 -8.84
C LEU B 129 12.75 -9.18 -9.03
N PHE B 130 12.15 -10.38 -9.10
N PHE B 130 12.12 -10.35 -9.02
CA PHE B 130 10.70 -10.55 -9.07
CA PHE B 130 10.66 -10.41 -9.08
C PHE B 130 10.36 -11.03 -7.66
C PHE B 130 10.16 -11.03 -7.77
N ASN B 131 9.78 -10.13 -6.87
CA ASN B 131 9.41 -10.44 -5.50
C ASN B 131 7.91 -10.69 -5.48
N TYR B 132 7.54 -11.90 -5.06
CA TYR B 132 6.13 -12.30 -5.04
C TYR B 132 5.97 -13.23 -3.83
N PRO B 133 5.86 -12.66 -2.62
CA PRO B 133 5.84 -13.52 -1.42
C PRO B 133 4.67 -14.49 -1.34
N THR B 134 3.47 -14.07 -1.74
CA THR B 134 2.35 -15.01 -1.72
C THR B 134 2.62 -16.24 -2.57
N ALA B 135 3.17 -16.04 -3.76
CA ALA B 135 3.36 -17.17 -4.68
C ALA B 135 4.55 -18.04 -4.32
N THR B 136 5.64 -17.43 -3.85
CA THR B 136 6.87 -18.19 -3.63
C THR B 136 7.08 -18.63 -2.19
N GLY B 137 6.40 -17.98 -1.24
CA GLY B 137 6.58 -18.27 0.15
C GLY B 137 7.67 -17.49 0.85
N LYS B 138 8.42 -16.64 0.12
CA LYS B 138 9.54 -15.91 0.68
C LYS B 138 9.44 -14.46 0.25
N ASP B 139 9.96 -13.58 1.09
CA ASP B 139 10.07 -12.15 0.78
C ASP B 139 11.53 -11.78 0.61
N ILE B 140 11.88 -11.25 -0.56
CA ILE B 140 13.19 -10.69 -0.78
C ILE B 140 13.04 -9.19 -0.67
N ASP B 141 13.02 -8.67 0.56
CA ASP B 141 12.71 -7.27 0.81
C ASP B 141 13.89 -6.37 0.48
N ALA B 142 13.73 -5.07 0.76
CA ALA B 142 14.70 -4.08 0.30
C ALA B 142 16.06 -4.31 0.93
N LYS B 143 16.10 -4.73 2.20
CA LYS B 143 17.38 -5.03 2.84
C LYS B 143 18.08 -6.19 2.15
N VAL B 144 17.35 -7.28 1.88
CA VAL B 144 17.95 -8.43 1.23
C VAL B 144 18.36 -8.07 -0.19
N ALA B 145 17.51 -7.34 -0.91
CA ALA B 145 17.89 -6.93 -2.25
C ALA B 145 19.19 -6.12 -2.22
N LYS B 146 19.34 -5.25 -1.22
CA LYS B 146 20.58 -4.51 -1.07
C LYS B 146 21.75 -5.45 -0.81
N GLU B 147 21.60 -6.35 0.16
CA GLU B 147 22.62 -7.38 0.41
C GLU B 147 23.02 -8.10 -0.87
N ILE B 148 22.06 -8.48 -1.69
CA ILE B 148 22.38 -9.19 -2.93
C ILE B 148 23.20 -8.30 -3.85
N GLY B 149 22.78 -7.04 -3.98
CA GLY B 149 23.61 -5.97 -4.50
C GLY B 149 23.71 -5.84 -6.00
N CYS B 150 23.11 -6.73 -6.77
CA CYS B 150 23.32 -6.74 -8.21
C CYS B 150 22.06 -6.51 -9.02
N PHE B 151 20.96 -6.10 -8.40
CA PHE B 151 19.70 -5.93 -9.11
C PHE B 151 19.62 -4.55 -9.75
N THR B 152 19.36 -4.54 -11.05
CA THR B 152 19.06 -3.30 -11.74
C THR B 152 17.66 -2.81 -11.41
N GLY B 153 16.72 -3.72 -11.14
CA GLY B 153 15.35 -3.36 -10.83
C GLY B 153 14.65 -4.43 -10.03
N VAL B 154 13.48 -4.09 -9.51
CA VAL B 154 12.66 -5.05 -8.77
C VAL B 154 11.21 -4.82 -9.15
N LYS B 155 10.48 -5.92 -9.32
CA LYS B 155 9.02 -5.93 -9.37
C LYS B 155 8.52 -6.50 -8.05
N ASP B 156 7.76 -5.69 -7.30
CA ASP B 156 7.26 -6.06 -5.99
C ASP B 156 5.76 -6.35 -6.13
N THR B 157 5.38 -7.61 -6.03
CA THR B 157 3.96 -8.01 -6.07
C THR B 157 3.56 -8.34 -4.65
N ILE B 158 2.88 -7.40 -4.00
CA ILE B 158 2.61 -7.51 -2.58
C ILE B 158 1.51 -6.50 -2.24
N GLU B 159 0.74 -6.79 -1.18
CA GLU B 159 -0.34 -5.91 -0.76
C GLU B 159 0.16 -4.92 0.30
N ASN B 160 1.13 -4.09 -0.11
CA ASN B 160 1.81 -3.21 0.86
C ASN B 160 2.77 -2.26 0.17
N ILE B 161 2.33 -1.03 -0.12
CA ILE B 161 3.19 -0.15 -0.90
C ILE B 161 4.32 0.42 -0.06
N ILE B 162 4.23 0.36 1.27
CA ILE B 162 5.37 0.72 2.11
C ILE B 162 6.56 -0.18 1.77
N HIS B 163 6.30 -1.47 1.66
CA HIS B 163 7.32 -2.43 1.28
C HIS B 163 7.97 -2.05 -0.04
N THR B 164 7.15 -1.64 -1.01
CA THR B 164 7.67 -1.31 -2.34
C THR B 164 8.53 -0.06 -2.28
N LEU B 165 8.07 0.97 -1.55
CA LEU B 165 8.83 2.21 -1.43
C LEU B 165 10.16 1.98 -0.75
N ASP B 166 10.24 1.00 0.16
CA ASP B 166 11.50 0.76 0.87
C ASP B 166 12.62 0.35 -0.07
N TYR B 167 12.31 -0.18 -1.27
CA TYR B 167 13.37 -0.49 -2.23
C TYR B 167 14.06 0.78 -2.72
N LYS B 168 13.27 1.81 -3.04
CA LYS B 168 13.84 3.13 -3.38
C LYS B 168 14.61 3.73 -2.21
N ARG B 169 14.05 3.62 -1.01
CA ARG B 169 14.71 4.20 0.16
C ARG B 169 16.08 3.58 0.39
N LEU B 170 16.21 2.26 0.25
CA LEU B 170 17.48 1.61 0.51
C LEU B 170 18.34 1.42 -0.73
N ASN B 171 17.75 1.48 -1.92
CA ASN B 171 18.46 1.32 -3.19
C ASN B 171 18.00 2.46 -4.08
N PRO B 172 18.49 3.69 -3.86
CA PRO B 172 17.93 4.85 -4.59
C PRO B 172 18.17 4.83 -6.10
N ASN B 173 19.13 4.04 -6.60
CA ASN B 173 19.37 3.95 -8.03
C ASN B 173 18.75 2.70 -8.66
N MET B 174 17.90 1.99 -7.92
CA MET B 174 17.19 0.82 -8.46
C MET B 174 15.86 1.21 -9.09
N LEU B 175 15.56 0.59 -10.22
CA LEU B 175 14.21 0.68 -10.78
C LEU B 175 13.23 -0.13 -9.92
N VAL B 176 12.10 0.48 -9.58
CA VAL B 176 11.18 -0.13 -8.64
C VAL B 176 9.78 -0.12 -9.24
N TYR B 177 9.23 -1.31 -9.49
CA TYR B 177 7.91 -1.42 -10.07
C TYR B 177 6.97 -2.15 -9.12
N SER B 178 5.69 -1.86 -9.25
CA SER B 178 4.65 -2.58 -8.54
C SER B 178 4.00 -3.61 -9.45
N GLY B 179 3.63 -4.75 -8.88
CA GLY B 179 2.81 -5.71 -9.58
C GLY B 179 1.32 -5.59 -9.34
N SER B 180 0.85 -4.49 -8.73
CA SER B 180 -0.57 -4.32 -8.44
C SER B 180 -1.22 -3.44 -9.50
N ASP B 181 -2.04 -4.04 -10.35
CA ASP B 181 -2.76 -3.28 -11.37
C ASP B 181 -3.62 -2.19 -10.76
N MET B 182 -4.09 -2.38 -9.52
CA MET B 182 -4.94 -1.42 -8.83
C MET B 182 -4.16 -0.20 -8.36
N LEU B 183 -2.82 -0.21 -8.47
CA LEU B 183 -2.00 0.89 -7.99
C LEU B 183 -1.31 1.68 -9.13
N ILE B 184 -1.75 1.54 -10.37
CA ILE B 184 -1.07 2.24 -11.48
C ILE B 184 -1.04 3.73 -11.21
N ALA B 185 -2.20 4.31 -10.90
CA ALA B 185 -2.25 5.75 -10.67
C ALA B 185 -1.40 6.14 -9.48
N THR B 186 -1.47 5.36 -8.39
CA THR B 186 -0.76 5.71 -7.18
C THR B 186 0.74 5.62 -7.37
N VAL B 187 1.20 4.53 -8.00
CA VAL B 187 2.63 4.33 -8.25
C VAL B 187 3.21 5.50 -9.03
N ALA B 188 2.53 5.89 -10.11
CA ALA B 188 2.99 6.99 -10.93
C ALA B 188 3.04 8.27 -10.11
N SER B 189 1.99 8.53 -9.33
CA SER B 189 1.89 9.77 -8.57
C SER B 189 2.93 9.87 -7.46
N THR B 190 3.48 8.75 -6.97
CA THR B 190 4.33 8.79 -5.79
C THR B 190 5.82 8.59 -6.08
N GLY B 191 6.23 8.62 -7.34
CA GLY B 191 7.64 8.65 -7.66
C GLY B 191 8.27 7.31 -7.95
N LEU B 192 7.48 6.26 -8.08
CA LEU B 192 7.99 4.95 -8.42
C LEU B 192 8.01 4.81 -9.94
N ASP B 193 8.57 3.70 -10.43
CA ASP B 193 8.93 3.62 -11.84
C ASP B 193 7.92 2.91 -12.72
N GLY B 194 6.79 2.49 -12.19
CA GLY B 194 5.74 1.98 -13.05
C GLY B 194 5.18 0.68 -12.50
N ASN B 195 4.42 0.00 -13.35
CA ASN B 195 3.72 -1.22 -12.98
C ASN B 195 3.98 -2.33 -13.98
N VAL B 196 4.19 -3.53 -13.45
CA VAL B 196 4.06 -4.75 -14.24
C VAL B 196 2.61 -5.16 -14.04
N ALA B 197 1.77 -4.91 -15.03
CA ALA B 197 0.31 -4.98 -14.91
C ALA B 197 -0.22 -6.15 -15.73
N PHE B 198 -0.74 -7.18 -15.05
CA PHE B 198 -1.29 -8.30 -15.78
C PHE B 198 -2.51 -7.89 -16.61
N GLY B 199 -3.29 -6.93 -16.12
CA GLY B 199 -4.45 -6.46 -16.86
C GLY B 199 -4.12 -5.70 -18.13
N SER B 200 -2.86 -5.31 -18.33
CA SER B 200 -2.47 -4.68 -19.57
C SER B 200 -2.48 -5.68 -20.73
N ASN B 201 -2.58 -6.98 -20.44
CA ASN B 201 -2.77 -7.95 -21.52
C ASN B 201 -4.05 -7.67 -22.28
N TYR B 202 -5.14 -7.35 -21.55
CA TYR B 202 -6.44 -7.20 -22.19
C TYR B 202 -6.92 -5.76 -22.28
N LEU B 203 -6.39 -4.86 -21.49
CA LEU B 203 -6.74 -3.44 -21.57
C LEU B 203 -5.47 -2.59 -21.53
N PRO B 204 -4.56 -2.78 -22.50
CA PRO B 204 -3.35 -1.96 -22.51
C PRO B 204 -3.64 -0.48 -22.64
N GLU B 205 -4.69 -0.13 -23.40
CA GLU B 205 -5.14 1.25 -23.53
C GLU B 205 -5.45 1.86 -22.17
N VAL B 206 -6.11 1.10 -21.31
CA VAL B 206 -6.52 1.64 -20.02
C VAL B 206 -5.31 1.87 -19.14
N THR B 207 -4.39 0.90 -19.12
CA THR B 207 -3.27 0.97 -18.21
C THR B 207 -2.35 2.13 -18.56
N VAL B 208 -2.07 2.34 -19.84
CA VAL B 208 -1.18 3.43 -20.21
C VAL B 208 -1.88 4.77 -19.98
N THR B 209 -3.20 4.82 -20.18
CA THR B 209 -3.89 6.10 -19.99
C THR B 209 -3.96 6.47 -18.51
N ILE B 210 -4.16 5.49 -17.61
CA ILE B 210 -4.17 5.81 -16.19
C ILE B 210 -2.87 6.50 -15.83
N LYS B 211 -1.76 5.85 -16.18
CA LYS B 211 -0.42 6.39 -15.90
C LYS B 211 -0.22 7.76 -16.53
N LYS B 212 -0.64 7.93 -17.79
CA LYS B 212 -0.45 9.22 -18.45
C LYS B 212 -1.25 10.32 -17.76
N LEU B 213 -2.52 10.05 -17.43
CA LEU B 213 -3.31 11.02 -16.69
C LEU B 213 -2.66 11.39 -15.37
N ALA B 214 -2.14 10.40 -14.64
CA ALA B 214 -1.49 10.70 -13.38
C ALA B 214 -0.26 11.57 -13.60
N MET B 215 0.52 11.29 -14.64
CA MET B 215 1.70 12.11 -14.89
C MET B 215 1.33 13.50 -15.42
N GLU B 216 0.16 13.66 -16.01
CA GLU B 216 -0.32 14.98 -16.41
C GLU B 216 -0.90 15.78 -15.26
N ARG B 217 -0.84 15.23 -14.03
CA ARG B 217 -1.37 15.88 -12.83
C ARG B 217 -2.88 15.93 -12.84
N LYS B 218 -3.52 15.00 -13.53
CA LYS B 218 -4.97 14.83 -13.49
C LYS B 218 -5.35 13.62 -12.64
N ILE B 219 -5.07 13.72 -11.33
CA ILE B 219 -5.18 12.55 -10.48
C ILE B 219 -6.63 12.08 -10.38
N ASP B 220 -7.58 13.01 -10.26
CA ASP B 220 -8.99 12.61 -10.22
C ASP B 220 -9.37 11.82 -11.47
N GLU B 221 -8.99 12.31 -12.65
CA GLU B 221 -9.30 11.57 -13.87
C GLU B 221 -8.60 10.23 -13.89
N ALA B 222 -7.35 10.18 -13.41
CA ALA B 222 -6.64 8.92 -13.37
C ALA B 222 -7.33 7.92 -12.45
N LEU B 223 -7.77 8.39 -11.27
CA LEU B 223 -8.44 7.51 -10.33
C LEU B 223 -9.77 7.01 -10.87
N LYS B 224 -10.51 7.87 -11.61
CA LYS B 224 -11.76 7.41 -12.22
C LYS B 224 -11.50 6.24 -13.17
N LEU B 225 -10.49 6.37 -14.03
CA LEU B 225 -10.15 5.28 -14.93
C LEU B 225 -9.59 4.10 -14.15
N GLN B 226 -8.78 4.39 -13.12
CA GLN B 226 -8.22 3.33 -12.29
C GLN B 226 -9.32 2.49 -11.64
N PHE B 227 -10.36 3.14 -11.11
CA PHE B 227 -11.44 2.40 -10.47
C PHE B 227 -12.20 1.54 -11.45
N LEU B 228 -12.26 1.93 -12.73
CA LEU B 228 -12.91 1.07 -13.72
C LEU B 228 -12.05 -0.15 -14.03
N HIS B 229 -10.73 0.06 -14.13
CA HIS B 229 -9.82 -1.08 -14.28
C HIS B 229 -9.92 -2.01 -13.06
N ASP B 230 -10.06 -1.45 -11.87
CA ASP B 230 -10.22 -2.26 -10.67
C ASP B 230 -11.45 -3.19 -10.80
N GLU B 231 -12.53 -2.70 -11.38
CA GLU B 231 -13.73 -3.53 -11.53
C GLU B 231 -13.51 -4.67 -12.50
N VAL B 232 -12.71 -4.48 -13.56
CA VAL B 232 -12.45 -5.56 -14.49
C VAL B 232 -11.62 -6.63 -13.79
N ILE B 233 -10.67 -6.22 -12.94
CA ILE B 233 -9.82 -7.16 -12.24
C ILE B 233 -10.65 -8.02 -11.30
N GLU B 234 -11.59 -7.40 -10.59
CA GLU B 234 -12.48 -8.16 -9.71
C GLU B 234 -13.24 -9.20 -10.50
N ALA B 235 -13.76 -8.82 -11.68
CA ALA B 235 -14.50 -9.78 -12.49
C ALA B 235 -13.63 -10.96 -12.90
N SER B 236 -12.36 -10.71 -13.24
CA SER B 236 -11.49 -11.81 -13.64
C SER B 236 -11.20 -12.77 -12.50
N ARG B 237 -11.37 -12.33 -11.26
CA ARG B 237 -11.14 -13.23 -10.13
C ARG B 237 -12.29 -14.19 -9.88
N ILE B 238 -13.49 -13.87 -10.36
CA ILE B 238 -14.65 -14.75 -10.16
C ILE B 238 -14.29 -16.19 -10.44
N PHE B 239 -13.82 -16.46 -11.66
CA PHE B 239 -13.54 -17.81 -12.12
C PHE B 239 -12.06 -18.16 -12.11
N GLY B 240 -11.20 -17.28 -11.56
CA GLY B 240 -9.77 -17.49 -11.61
C GLY B 240 -9.11 -16.56 -12.62
N SER B 241 -8.31 -15.62 -12.15
CA SER B 241 -7.84 -14.55 -13.04
C SER B 241 -6.90 -15.10 -14.13
N LEU B 242 -6.04 -16.06 -13.79
CA LEU B 242 -5.10 -16.58 -14.78
C LEU B 242 -5.80 -17.25 -15.96
N SER B 243 -6.91 -17.96 -15.70
CA SER B 243 -7.71 -18.49 -16.80
C SER B 243 -8.53 -17.41 -17.48
N SER B 244 -9.16 -16.54 -16.69
CA SER B 244 -10.01 -15.47 -17.21
C SER B 244 -9.25 -14.47 -18.07
N ASN B 245 -7.93 -14.37 -17.88
CA ASN B 245 -7.16 -13.42 -18.67
C ASN B 245 -7.25 -13.75 -20.16
N TYR B 246 -7.30 -15.04 -20.51
CA TYR B 246 -7.48 -15.45 -21.90
C TYR B 246 -8.80 -14.92 -22.47
N VAL B 247 -9.90 -15.14 -21.73
CA VAL B 247 -11.22 -14.73 -22.20
C VAL B 247 -11.29 -13.22 -22.36
N LEU B 248 -10.72 -12.49 -21.40
CA LEU B 248 -10.79 -11.03 -21.40
C LEU B 248 -9.97 -10.41 -22.51
N THR B 249 -8.87 -11.05 -22.90
CA THR B 249 -8.05 -10.52 -23.99
C THR B 249 -8.76 -10.70 -25.33
N LYS B 250 -9.34 -11.89 -25.54
CA LYS B 250 -10.15 -12.11 -26.73
C LYS B 250 -11.29 -11.11 -26.80
N TYR B 251 -12.00 -10.92 -25.69
CA TYR B 251 -13.12 -10.00 -25.66
C TYR B 251 -12.69 -8.57 -25.98
N PHE B 252 -11.65 -8.06 -25.30
CA PHE B 252 -11.32 -6.65 -25.45
C PHE B 252 -10.40 -6.38 -26.64
N GLN B 253 -9.56 -7.34 -27.05
CA GLN B 253 -8.60 -7.08 -28.10
C GLN B 253 -8.93 -7.74 -29.43
N GLY B 254 -9.81 -8.74 -29.44
CA GLY B 254 -10.38 -9.23 -30.67
C GLY B 254 -9.65 -10.39 -31.31
N TYR B 255 -8.57 -10.86 -30.72
CA TYR B 255 -7.90 -12.08 -31.15
C TYR B 255 -7.88 -13.04 -29.98
N ASP B 256 -7.77 -14.33 -30.24
CA ASP B 256 -7.81 -15.31 -29.17
C ASP B 256 -6.40 -15.79 -28.86
N LEU B 257 -6.19 -16.18 -27.60
CA LEU B 257 -4.91 -16.67 -27.10
C LEU B 257 -4.95 -18.17 -26.81
N GLY B 258 -5.81 -18.90 -27.52
CA GLY B 258 -5.86 -20.34 -27.35
C GLY B 258 -6.26 -20.69 -25.93
N TYR B 259 -5.46 -21.56 -25.30
CA TYR B 259 -5.77 -22.18 -24.04
C TYR B 259 -4.66 -21.93 -23.02
N PRO B 260 -5.02 -21.92 -21.72
CA PRO B 260 -3.99 -22.03 -20.67
C PRO B 260 -3.45 -23.45 -20.58
N ARG B 261 -2.54 -23.67 -19.64
CA ARG B 261 -2.02 -25.01 -19.42
C ARG B 261 -2.60 -25.58 -18.14
N PRO B 262 -3.42 -26.63 -18.21
CA PRO B 262 -3.98 -27.26 -16.98
C PRO B 262 -2.88 -27.71 -16.05
N PRO B 263 -3.03 -27.54 -14.73
CA PRO B 263 -4.25 -27.18 -13.98
C PRO B 263 -4.76 -25.75 -14.04
N ILE B 264 -4.18 -24.88 -14.86
CA ILE B 264 -4.83 -23.61 -15.14
C ILE B 264 -5.84 -23.89 -16.23
N PHE B 265 -7.06 -24.27 -15.83
CA PHE B 265 -8.03 -24.81 -16.77
C PHE B 265 -8.72 -23.66 -17.52
N PRO B 266 -9.04 -23.86 -18.79
CA PRO B 266 -9.83 -22.85 -19.51
C PRO B 266 -11.23 -22.74 -18.92
N LEU B 267 -11.75 -21.52 -18.91
CA LEU B 267 -13.16 -21.34 -18.58
C LEU B 267 -14.00 -22.07 -19.62
N ASP B 268 -15.13 -22.61 -19.20
CA ASP B 268 -16.04 -23.19 -20.17
C ASP B 268 -16.87 -22.07 -20.81
N ASP B 269 -17.80 -22.45 -21.68
CA ASP B 269 -18.54 -21.47 -22.46
C ASP B 269 -19.52 -20.68 -21.60
N GLU B 270 -20.04 -21.28 -20.53
CA GLU B 270 -20.93 -20.57 -19.63
C GLU B 270 -20.17 -19.58 -18.75
N GLU B 271 -19.02 -19.98 -18.21
CA GLU B 271 -18.20 -19.05 -17.44
C GLU B 271 -17.79 -17.86 -18.30
N GLU B 272 -17.40 -18.12 -19.55
CA GLU B 272 -17.06 -17.03 -20.47
C GLU B 272 -18.25 -16.10 -20.65
N ARG B 273 -19.43 -16.66 -20.95
CA ARG B 273 -20.65 -15.86 -21.06
C ARG B 273 -20.82 -14.96 -19.84
N GLN B 274 -20.73 -15.54 -18.64
CA GLN B 274 -21.00 -14.79 -17.42
C GLN B 274 -19.90 -13.77 -17.14
N LEU B 275 -18.64 -14.10 -17.44
CA LEU B 275 -17.58 -13.12 -17.29
C LEU B 275 -17.84 -11.91 -18.16
N ILE B 276 -18.13 -12.14 -19.45
CA ILE B 276 -18.39 -11.04 -20.36
C ILE B 276 -19.56 -10.20 -19.87
N LYS B 277 -20.58 -10.85 -19.30
CA LYS B 277 -21.68 -10.11 -18.69
C LYS B 277 -21.18 -9.11 -17.66
N LYS B 278 -20.18 -9.51 -16.87
CA LYS B 278 -19.69 -8.66 -15.79
C LYS B 278 -18.92 -7.44 -16.30
N VAL B 279 -18.30 -7.54 -17.48
CA VAL B 279 -17.47 -6.45 -17.99
C VAL B 279 -18.10 -5.75 -19.19
N GLU B 280 -19.21 -6.28 -19.72
CA GLU B 280 -19.86 -5.65 -20.87
C GLU B 280 -20.09 -4.16 -20.67
N GLY B 281 -20.64 -3.79 -19.50
CA GLY B 281 -20.92 -2.38 -19.26
C GLY B 281 -19.66 -1.55 -19.15
N ILE B 282 -18.59 -2.12 -18.60
CA ILE B 282 -17.33 -1.40 -18.51
C ILE B 282 -16.77 -1.11 -19.90
N ARG B 283 -16.85 -2.09 -20.81
CA ARG B 283 -16.46 -1.83 -22.19
C ARG B 283 -17.23 -0.65 -22.76
N ALA B 284 -18.55 -0.66 -22.58
CA ALA B 284 -19.39 0.41 -23.11
C ALA B 284 -18.95 1.77 -22.59
N LYS B 285 -18.61 1.86 -21.30
CA LYS B 285 -18.15 3.13 -20.74
C LYS B 285 -16.77 3.52 -21.26
N LEU B 286 -15.90 2.52 -21.53
CA LEU B 286 -14.60 2.80 -22.08
C LEU B 286 -14.69 3.26 -23.53
N VAL B 287 -15.65 2.71 -24.27
CA VAL B 287 -15.93 3.19 -25.63
C VAL B 287 -16.42 4.63 -25.59
N GLU B 288 -17.37 4.93 -24.70
CA GLU B 288 -17.89 6.28 -24.58
C GLU B 288 -16.79 7.28 -24.25
N LEU B 289 -15.93 6.94 -23.30
CA LEU B 289 -14.77 7.77 -22.98
C LEU B 289 -13.74 7.80 -24.11
N LYS B 290 -13.92 7.00 -25.16
CA LYS B 290 -12.99 6.92 -26.28
C LYS B 290 -11.61 6.41 -25.88
N ILE B 291 -11.54 5.63 -24.80
CA ILE B 291 -10.30 4.90 -24.50
C ILE B 291 -10.21 3.67 -25.40
N LEU B 292 -11.34 3.03 -25.67
CA LEU B 292 -11.41 1.92 -26.60
C LEU B 292 -12.10 2.37 -27.89
N LYS B 293 -11.46 2.07 -29.02
CA LYS B 293 -12.03 2.29 -30.35
C LYS B 293 -12.94 1.10 -30.67
N GLU B 294 -14.08 1.08 -29.98
CA GLU B 294 -15.02 -0.03 -30.10
C GLU B 294 -14.35 -1.37 -29.79
#